data_7JJQ
#
_entry.id   7JJQ
#
_cell.length_a   53.338
_cell.length_b   53.338
_cell.length_c   190.647
_cell.angle_alpha   90.00
_cell.angle_beta   90.00
_cell.angle_gamma   90.00
#
_symmetry.space_group_name_H-M   'P 41'
#
loop_
_entity.id
_entity.type
_entity.pdbx_description
1 polymer 'Hemoglobin subunit alpha'
2 polymer 'Hemoglobin subunit beta'
3 non-polymer 'PROTOPORPHYRIN IX CONTAINING FE'
4 non-polymer GLYCEROL
5 non-polymer (2R)-N-hydroxy-1-phenylpropan-2-amine
6 water water
#
loop_
_entity_poly.entity_id
_entity_poly.type
_entity_poly.pdbx_seq_one_letter_code
_entity_poly.pdbx_strand_id
1 'polypeptide(L)'
;VLSPADKTNVKAAWGKVGAHAGEYGAEALERMFLSFPTTKTYFPHFDLSHGSAQVKGHGKKVADALTNAVAHVDDMPNAL
SALSDLHAHKLRVDPVNFKLLSHCLLVTLAAHLPAEFTPAVHASLDKFLASVSTVLTSKYR
;
A,C
2 'polypeptide(L)'
;VHLTPEEKSAVTALWGKVNVDEVGGEALGRLLVVYPWTQRFFESFGDLSTPDAVMGNPKVKAHGKKVLGAFSDGLAHLDN
LKGTFATLSELHCDKLHVDPENFRLLGNVLVCVLAHHFGKEFTPPVQAAYQKVVAGVANALAHKYH
;
B,D
#
# COMPACT_ATOMS: atom_id res chain seq x y z
N VAL A 1 8.23 16.07 -3.67
CA VAL A 1 8.48 17.50 -3.24
C VAL A 1 9.38 17.46 -1.98
N LEU A 2 10.69 17.69 -2.21
CA LEU A 2 11.74 17.54 -1.20
C LEU A 2 12.20 18.91 -0.70
N SER A 3 12.63 18.94 0.56
CA SER A 3 13.26 20.09 1.19
C SER A 3 14.72 20.22 0.75
N PRO A 4 15.35 21.41 0.98
CA PRO A 4 16.77 21.61 0.73
C PRO A 4 17.67 20.69 1.55
N ALA A 5 17.28 20.43 2.81
CA ALA A 5 17.96 19.46 3.64
C ALA A 5 17.94 18.06 3.00
N ASP A 6 16.81 17.63 2.43
CA ASP A 6 16.71 16.33 1.76
C ASP A 6 17.58 16.28 0.49
N LYS A 7 17.55 17.37 -0.30
CA LYS A 7 18.42 17.49 -1.46
C LYS A 7 19.89 17.36 -1.04
N THR A 8 20.30 18.09 0.00
CA THR A 8 21.67 18.03 0.52
C THR A 8 22.02 16.59 0.87
N ASN A 9 21.10 15.91 1.55
CA ASN A 9 21.37 14.57 2.06
C ASN A 9 21.45 13.58 0.88
N VAL A 10 20.61 13.77 -0.14
CA VAL A 10 20.61 12.88 -1.30
C VAL A 10 21.93 13.09 -2.06
N LYS A 11 22.38 14.34 -2.18
CA LYS A 11 23.64 14.62 -2.87
C LYS A 11 24.82 14.01 -2.12
N ALA A 12 24.79 14.03 -0.78
CA ALA A 12 25.89 13.42 0.00
C ALA A 12 25.97 11.91 -0.26
N ALA A 13 24.82 11.23 -0.21
CA ALA A 13 24.74 9.80 -0.44
C ALA A 13 25.25 9.46 -1.86
N TRP A 14 24.72 10.19 -2.84
CA TRP A 14 25.14 10.06 -4.24
C TRP A 14 26.68 10.17 -4.35
N GLY A 15 27.23 11.28 -3.86
CA GLY A 15 28.68 11.50 -3.87
C GLY A 15 29.45 10.30 -3.36
N LYS A 16 29.02 9.76 -2.22
CA LYS A 16 29.69 8.65 -1.56
C LYS A 16 29.51 7.34 -2.34
N VAL A 17 28.34 7.14 -2.94
CA VAL A 17 28.10 5.96 -3.79
C VAL A 17 29.08 6.04 -4.97
N GLY A 18 29.30 7.27 -5.46
CA GLY A 18 30.20 7.55 -6.57
C GLY A 18 29.95 6.66 -7.77
N ALA A 19 31.03 6.14 -8.35
CA ALA A 19 31.02 5.27 -9.52
C ALA A 19 30.54 3.86 -9.20
N HIS A 20 30.10 3.59 -7.95
CA HIS A 20 29.58 2.29 -7.61
C HIS A 20 28.09 2.19 -7.95
N ALA A 21 27.51 3.25 -8.53
CA ALA A 21 26.09 3.36 -8.71
C ALA A 21 25.57 2.12 -9.46
N GLY A 22 26.23 1.78 -10.56
CA GLY A 22 25.85 0.67 -11.42
C GLY A 22 25.82 -0.66 -10.68
N GLU A 23 26.92 -0.93 -9.96
CA GLU A 23 27.14 -2.13 -9.11
C GLU A 23 26.04 -2.22 -8.04
N TYR A 24 25.69 -1.09 -7.44
CA TYR A 24 24.75 -1.04 -6.33
C TYR A 24 23.34 -1.27 -6.87
N GLY A 25 23.09 -0.79 -8.09
CA GLY A 25 21.84 -0.97 -8.78
C GLY A 25 21.60 -2.43 -9.12
N ALA A 26 22.66 -3.14 -9.55
CA ALA A 26 22.65 -4.61 -9.76
C ALA A 26 22.26 -5.33 -8.47
N GLU A 27 22.88 -4.93 -7.36
CA GLU A 27 22.72 -5.61 -6.07
C GLU A 27 21.29 -5.44 -5.55
N ALA A 28 20.74 -4.23 -5.76
CA ALA A 28 19.38 -3.90 -5.36
C ALA A 28 18.41 -4.86 -6.05
N LEU A 29 18.63 -5.06 -7.34
CA LEU A 29 17.80 -5.94 -8.16
C LEU A 29 17.85 -7.37 -7.61
N GLU A 30 19.06 -7.91 -7.47
CA GLU A 30 19.26 -9.23 -6.87
C GLU A 30 18.52 -9.32 -5.51
N ARG A 31 18.62 -8.26 -4.69
CA ARG A 31 17.99 -8.23 -3.36
C ARG A 31 16.46 -8.30 -3.52
N MET A 32 15.92 -7.59 -4.51
CA MET A 32 14.47 -7.60 -4.83
C MET A 32 14.02 -8.98 -5.34
N PHE A 33 14.75 -9.54 -6.32
CA PHE A 33 14.38 -10.85 -6.93
C PHE A 33 14.34 -11.97 -5.87
N LEU A 34 15.27 -11.97 -4.90
CA LEU A 34 15.29 -13.04 -3.84
C LEU A 34 14.28 -12.76 -2.72
N SER A 35 14.13 -11.47 -2.35
CA SER A 35 13.26 -11.07 -1.24
C SER A 35 11.79 -11.13 -1.66
N PHE A 36 11.53 -10.74 -2.92
CA PHE A 36 10.19 -10.52 -3.44
C PHE A 36 10.07 -11.26 -4.77
N PRO A 37 10.06 -12.62 -4.73
CA PRO A 37 10.09 -13.45 -5.94
C PRO A 37 8.98 -13.15 -6.96
N THR A 38 7.84 -12.59 -6.55
CA THR A 38 6.85 -12.16 -7.53
C THR A 38 7.46 -11.22 -8.58
N THR A 39 8.50 -10.44 -8.21
CA THR A 39 9.05 -9.43 -9.13
C THR A 39 9.75 -10.11 -10.31
N LYS A 40 10.21 -11.35 -10.12
CA LYS A 40 10.96 -12.09 -11.14
C LYS A 40 10.15 -12.35 -12.41
N THR A 41 8.81 -12.31 -12.36
CA THR A 41 8.01 -12.66 -13.54
C THR A 41 8.00 -11.51 -14.56
N TYR A 42 8.58 -10.36 -14.18
CA TYR A 42 8.72 -9.25 -15.14
C TYR A 42 10.00 -9.44 -15.97
N PHE A 43 10.85 -10.41 -15.61
CA PHE A 43 12.11 -10.64 -16.28
C PHE A 43 12.26 -12.12 -16.70
N PRO A 44 11.31 -12.71 -17.46
CA PRO A 44 11.42 -14.13 -17.82
C PRO A 44 12.66 -14.41 -18.67
N HIS A 45 13.11 -13.42 -19.46
CA HIS A 45 14.25 -13.53 -20.41
C HIS A 45 15.60 -13.21 -19.74
N PHE A 46 15.59 -12.98 -18.43
CA PHE A 46 16.82 -12.76 -17.71
C PHE A 46 17.20 -14.04 -17.00
N ASP A 47 18.49 -14.35 -17.03
CA ASP A 47 19.12 -15.16 -16.03
C ASP A 47 19.29 -14.29 -14.78
N LEU A 48 18.61 -14.66 -13.70
CA LEU A 48 18.58 -13.86 -12.47
C LEU A 48 19.51 -14.47 -11.42
N SER A 49 20.40 -15.40 -11.82
CA SER A 49 21.44 -15.93 -10.92
C SER A 49 22.49 -14.84 -10.63
N HIS A 50 23.22 -15.02 -9.53
CA HIS A 50 24.32 -14.14 -9.12
C HIS A 50 25.34 -14.08 -10.25
N GLY A 51 25.94 -12.90 -10.42
CA GLY A 51 26.92 -12.66 -11.46
C GLY A 51 26.33 -12.63 -12.86
N SER A 52 25.00 -12.66 -12.97
CA SER A 52 24.38 -12.53 -14.27
C SER A 52 24.74 -11.17 -14.89
N ALA A 53 25.19 -11.22 -16.14
CA ALA A 53 25.57 -10.04 -16.88
C ALA A 53 24.31 -9.24 -17.28
N GLN A 54 23.16 -9.90 -17.37
CA GLN A 54 21.91 -9.21 -17.68
C GLN A 54 21.50 -8.33 -16.48
N VAL A 55 21.69 -8.84 -15.24
CA VAL A 55 21.29 -8.11 -14.02
C VAL A 55 22.29 -6.95 -13.79
N LYS A 56 23.58 -7.24 -13.97
CA LYS A 56 24.62 -6.21 -13.95
C LYS A 56 24.30 -5.11 -14.97
N GLY A 57 24.06 -5.50 -16.22
CA GLY A 57 23.71 -4.54 -17.28
C GLY A 57 22.44 -3.75 -16.98
N HIS A 58 21.42 -4.42 -16.41
CA HIS A 58 20.18 -3.72 -16.10
C HIS A 58 20.36 -2.79 -14.90
N GLY A 59 21.20 -3.20 -13.95
CA GLY A 59 21.47 -2.46 -12.74
C GLY A 59 22.12 -1.12 -13.02
N LYS A 60 22.93 -1.11 -14.10
CA LYS A 60 23.55 0.09 -14.64
C LYS A 60 22.46 1.03 -15.17
N LYS A 61 21.48 0.50 -15.90
CA LYS A 61 20.44 1.31 -16.49
C LYS A 61 19.57 1.96 -15.40
N VAL A 62 19.30 1.21 -14.33
CA VAL A 62 18.47 1.65 -13.21
C VAL A 62 19.21 2.78 -12.48
N ALA A 63 20.52 2.57 -12.25
CA ALA A 63 21.45 3.53 -11.62
C ALA A 63 21.46 4.85 -12.42
N ASP A 64 21.59 4.73 -13.74
CA ASP A 64 21.61 5.90 -14.64
C ASP A 64 20.31 6.72 -14.52
N ALA A 65 19.16 6.03 -14.46
CA ALA A 65 17.88 6.69 -14.28
C ALA A 65 17.82 7.40 -12.91
N LEU A 66 18.22 6.72 -11.84
CA LEU A 66 18.24 7.31 -10.47
C LEU A 66 19.17 8.54 -10.45
N THR A 67 20.35 8.41 -11.07
CA THR A 67 21.37 9.47 -11.21
C THR A 67 20.78 10.66 -12.01
N ASN A 68 20.00 10.35 -13.05
CA ASN A 68 19.27 11.42 -13.81
C ASN A 68 18.25 12.12 -12.90
N ALA A 69 17.51 11.34 -12.10
CA ALA A 69 16.51 11.93 -11.17
C ALA A 69 17.20 12.83 -10.14
N VAL A 70 18.31 12.37 -9.56
CA VAL A 70 19.14 13.17 -8.65
C VAL A 70 19.46 14.52 -9.30
N ALA A 71 19.86 14.50 -10.57
CA ALA A 71 20.43 15.64 -11.28
C ALA A 71 19.36 16.64 -11.72
N HIS A 72 18.08 16.21 -11.72
CA HIS A 72 16.98 17.06 -12.12
C HIS A 72 15.82 16.87 -11.14
N VAL A 73 16.17 16.90 -9.84
CA VAL A 73 15.26 16.53 -8.77
C VAL A 73 14.02 17.44 -8.75
N ASP A 74 14.17 18.71 -9.18
CA ASP A 74 13.11 19.70 -9.15
C ASP A 74 12.19 19.59 -10.38
N ASP A 75 12.51 18.71 -11.31
CA ASP A 75 11.64 18.48 -12.48
C ASP A 75 11.78 17.02 -12.92
N MET A 76 11.54 16.11 -11.96
CA MET A 76 11.54 14.64 -12.17
C MET A 76 10.47 14.24 -13.18
N PRO A 77 9.24 14.82 -13.15
CA PRO A 77 8.20 14.43 -14.11
C PRO A 77 8.72 14.52 -15.55
N ASN A 78 9.48 15.58 -15.87
CA ASN A 78 10.10 15.76 -17.20
C ASN A 78 11.22 14.73 -17.40
N ALA A 79 12.14 14.64 -16.43
CA ALA A 79 13.28 13.74 -16.53
C ALA A 79 12.82 12.33 -16.87
N LEU A 80 11.84 11.81 -16.13
CA LEU A 80 11.50 10.38 -16.16
C LEU A 80 10.21 10.10 -16.96
N SER A 81 9.72 11.05 -17.76
CA SER A 81 8.40 10.87 -18.40
C SER A 81 8.40 9.64 -19.30
N ALA A 82 9.44 9.51 -20.12
CA ALA A 82 9.59 8.38 -21.00
C ALA A 82 9.50 7.06 -20.19
N LEU A 83 10.37 6.92 -19.19
CA LEU A 83 10.42 5.75 -18.33
C LEU A 83 9.05 5.43 -17.71
N SER A 84 8.32 6.48 -17.28
CA SER A 84 6.97 6.40 -16.71
C SER A 84 5.96 5.73 -17.67
N ASP A 85 5.96 6.11 -18.95
CA ASP A 85 5.07 5.51 -19.98
C ASP A 85 5.47 4.05 -20.26
N LEU A 86 6.79 3.80 -20.32
CA LEU A 86 7.33 2.47 -20.53
C LEU A 86 6.87 1.52 -19.41
N HIS A 87 7.05 1.93 -18.15
CA HIS A 87 6.73 1.07 -16.99
C HIS A 87 5.22 0.82 -16.91
N ALA A 88 4.42 1.86 -17.19
CA ALA A 88 2.96 1.81 -17.11
C ALA A 88 2.39 1.11 -18.34
N HIS A 89 2.56 1.70 -19.52
CA HIS A 89 1.84 1.26 -20.72
C HIS A 89 2.45 -0.01 -21.32
N LYS A 90 3.79 -0.06 -21.43
CA LYS A 90 4.39 -1.21 -22.06
C LYS A 90 4.46 -2.36 -21.05
N LEU A 91 5.10 -2.12 -19.91
CA LEU A 91 5.48 -3.22 -19.04
C LEU A 91 4.31 -3.55 -18.09
N ARG A 92 3.42 -2.59 -17.88
CA ARG A 92 2.39 -2.64 -16.86
C ARG A 92 2.95 -3.22 -15.56
N VAL A 93 3.95 -2.52 -15.00
CA VAL A 93 4.46 -2.85 -13.67
C VAL A 93 3.43 -2.41 -12.63
N ASP A 94 3.07 -3.38 -11.78
CA ASP A 94 2.17 -3.20 -10.63
C ASP A 94 2.82 -2.19 -9.67
N PRO A 95 2.15 -1.07 -9.28
CA PRO A 95 2.76 0.00 -8.49
C PRO A 95 3.42 -0.42 -7.17
N VAL A 96 2.89 -1.50 -6.56
CA VAL A 96 3.41 -2.02 -5.31
C VAL A 96 4.89 -2.42 -5.50
N ASN A 97 5.25 -2.82 -6.72
CA ASN A 97 6.60 -3.29 -7.01
C ASN A 97 7.63 -2.16 -6.90
N PHE A 98 7.22 -0.92 -7.09
CA PHE A 98 8.14 0.23 -6.91
C PHE A 98 8.55 0.36 -5.45
N LYS A 99 7.62 0.07 -4.53
CA LYS A 99 7.91 0.14 -3.12
C LYS A 99 8.94 -0.94 -2.76
N LEU A 100 8.80 -2.10 -3.40
CA LEU A 100 9.64 -3.26 -3.15
C LEU A 100 11.07 -2.92 -3.59
N LEU A 101 11.25 -2.30 -4.76
CA LEU A 101 12.61 -2.04 -5.24
C LEU A 101 13.22 -0.85 -4.48
N SER A 102 12.40 0.16 -4.13
CA SER A 102 12.82 1.30 -3.29
C SER A 102 13.42 0.79 -1.97
N HIS A 103 12.72 -0.16 -1.33
CA HIS A 103 13.22 -0.79 -0.11
C HIS A 103 14.58 -1.47 -0.38
N CYS A 104 14.71 -2.19 -1.48
CA CYS A 104 15.94 -2.89 -1.72
C CYS A 104 17.06 -1.90 -2.06
N LEU A 105 16.73 -0.79 -2.72
CA LEU A 105 17.72 0.25 -3.03
C LEU A 105 18.18 0.90 -1.73
N LEU A 106 17.28 1.06 -0.77
CA LEU A 106 17.63 1.64 0.53
C LEU A 106 18.56 0.70 1.31
N VAL A 107 18.25 -0.59 1.32
CA VAL A 107 19.04 -1.57 2.06
C VAL A 107 20.44 -1.67 1.44
N THR A 108 20.52 -1.60 0.11
CA THR A 108 21.81 -1.64 -0.59
C THR A 108 22.67 -0.45 -0.13
N LEU A 109 22.05 0.73 -0.11
CA LEU A 109 22.71 1.96 0.29
C LEU A 109 23.17 1.82 1.75
N ALA A 110 22.28 1.33 2.62
CA ALA A 110 22.57 1.12 4.03
C ALA A 110 23.78 0.19 4.18
N ALA A 111 23.85 -0.86 3.35
CA ALA A 111 24.91 -1.87 3.43
C ALA A 111 26.25 -1.35 2.88
N HIS A 112 26.25 -0.25 2.15
CA HIS A 112 27.47 0.27 1.56
C HIS A 112 27.86 1.63 2.17
N LEU A 113 26.97 2.30 2.92
CA LEU A 113 27.22 3.71 3.41
C LEU A 113 27.15 3.80 4.94
N PRO A 114 28.08 3.17 5.69
CA PRO A 114 28.00 3.16 7.15
C PRO A 114 27.92 4.55 7.82
N ALA A 115 28.70 5.53 7.35
CA ALA A 115 28.73 6.88 7.95
C ALA A 115 27.57 7.73 7.41
N GLU A 116 27.26 7.56 6.13
CA GLU A 116 26.29 8.40 5.42
C GLU A 116 24.84 8.04 5.78
N PHE A 117 24.56 6.77 6.07
CA PHE A 117 23.16 6.34 6.25
C PHE A 117 22.71 6.61 7.70
N THR A 118 22.66 7.89 8.05
CA THR A 118 22.11 8.34 9.29
C THR A 118 20.60 8.30 9.18
N PRO A 119 19.87 8.40 10.32
CA PRO A 119 18.41 8.46 10.27
C PRO A 119 17.91 9.56 9.32
N ALA A 120 18.55 10.75 9.37
CA ALA A 120 18.14 11.93 8.56
C ALA A 120 18.33 11.63 7.08
N VAL A 121 19.47 11.03 6.74
CA VAL A 121 19.79 10.71 5.36
C VAL A 121 18.86 9.56 4.87
N HIS A 122 18.58 8.60 5.75
CA HIS A 122 17.61 7.51 5.48
C HIS A 122 16.24 8.09 5.09
N ALA A 123 15.72 9.01 5.92
CA ALA A 123 14.45 9.73 5.65
C ALA A 123 14.49 10.44 4.29
N SER A 124 15.57 11.18 4.04
CA SER A 124 15.73 11.93 2.80
C SER A 124 15.76 10.98 1.60
N LEU A 125 16.50 9.86 1.70
CA LEU A 125 16.60 8.84 0.62
C LEU A 125 15.24 8.18 0.35
N ASP A 126 14.51 7.92 1.43
CA ASP A 126 13.21 7.32 1.34
C ASP A 126 12.27 8.22 0.54
N LYS A 127 12.36 9.53 0.81
CA LYS A 127 11.51 10.52 0.18
C LYS A 127 11.88 10.66 -1.28
N PHE A 128 13.19 10.72 -1.55
CA PHE A 128 13.72 10.73 -2.93
C PHE A 128 13.14 9.56 -3.74
N LEU A 129 13.16 8.33 -3.20
CA LEU A 129 12.76 7.11 -3.98
C LEU A 129 11.22 7.06 -4.07
N ALA A 130 10.54 7.62 -3.07
CA ALA A 130 9.09 7.78 -3.14
C ALA A 130 8.73 8.77 -4.26
N SER A 131 9.43 9.91 -4.36
CA SER A 131 9.24 10.86 -5.50
C SER A 131 9.46 10.17 -6.85
N VAL A 132 10.57 9.42 -7.00
CA VAL A 132 10.85 8.68 -8.25
C VAL A 132 9.67 7.73 -8.55
N SER A 133 9.25 6.99 -7.53
CA SER A 133 8.21 5.98 -7.67
C SER A 133 6.87 6.63 -8.05
N THR A 134 6.51 7.71 -7.36
CA THR A 134 5.33 8.51 -7.72
C THR A 134 5.37 8.89 -9.20
N VAL A 135 6.52 9.35 -9.69
CA VAL A 135 6.66 9.75 -11.12
C VAL A 135 6.55 8.52 -12.05
N LEU A 136 7.17 7.40 -11.70
CA LEU A 136 7.11 6.20 -12.58
C LEU A 136 5.72 5.54 -12.56
N THR A 137 4.88 5.88 -11.58
CA THR A 137 3.51 5.38 -11.54
C THR A 137 2.51 6.42 -12.10
N SER A 138 2.98 7.60 -12.50
CA SER A 138 2.12 8.77 -12.76
C SER A 138 1.20 8.50 -13.95
N LYS A 139 1.56 7.54 -14.81
CA LYS A 139 0.83 7.27 -16.04
C LYS A 139 -0.29 6.25 -15.80
N TYR A 140 -0.48 5.78 -14.56
CA TYR A 140 -1.75 5.14 -14.14
C TYR A 140 -2.61 6.19 -13.42
N HIS B 2 7.83 -22.08 7.79
CA HIS B 2 7.85 -21.58 6.39
C HIS B 2 9.24 -21.01 6.04
N LEU B 3 10.12 -20.92 7.05
CA LEU B 3 11.55 -20.72 6.85
C LEU B 3 12.18 -22.09 6.58
N THR B 4 12.97 -22.18 5.50
CA THR B 4 13.86 -23.32 5.28
C THR B 4 14.99 -23.30 6.31
N PRO B 5 15.67 -24.45 6.56
CA PRO B 5 16.86 -24.45 7.42
C PRO B 5 17.90 -23.40 7.04
N GLU B 6 18.12 -23.16 5.73
CA GLU B 6 19.15 -22.19 5.35
C GLU B 6 18.67 -20.75 5.65
N GLU B 7 17.37 -20.48 5.61
CA GLU B 7 16.85 -19.15 5.99
C GLU B 7 16.96 -18.98 7.52
N LYS B 8 16.60 -20.04 8.27
CA LYS B 8 16.73 -20.01 9.75
C LYS B 8 18.20 -19.78 10.12
N SER B 9 19.09 -20.51 9.42
CA SER B 9 20.54 -20.35 9.57
C SER B 9 20.94 -18.89 9.36
N ALA B 10 20.60 -18.33 8.18
CA ALA B 10 20.97 -16.93 7.86
C ALA B 10 20.43 -15.99 8.95
N VAL B 11 19.20 -16.24 9.42
CA VAL B 11 18.56 -15.38 10.42
C VAL B 11 19.29 -15.51 11.76
N THR B 12 19.46 -16.74 12.26
CA THR B 12 19.97 -16.96 13.63
C THR B 12 21.44 -16.53 13.75
N ALA B 13 22.26 -16.76 12.72
CA ALA B 13 23.72 -16.48 12.81
C ALA B 13 24.02 -14.97 12.83
N LEU B 14 23.19 -14.19 12.11
CA LEU B 14 23.25 -12.76 12.21
C LEU B 14 22.70 -12.32 13.56
N TRP B 15 21.49 -12.78 13.93
CA TRP B 15 20.87 -12.28 15.16
C TRP B 15 21.81 -12.51 16.35
N GLY B 16 22.47 -13.67 16.36
CA GLY B 16 23.53 -13.99 17.32
C GLY B 16 24.44 -12.81 17.63
N LYS B 17 24.75 -11.98 16.62
CA LYS B 17 25.75 -10.91 16.76
C LYS B 17 25.12 -9.53 16.98
N VAL B 18 23.79 -9.46 17.10
CA VAL B 18 23.09 -8.20 17.26
C VAL B 18 23.25 -7.76 18.71
N ASN B 19 23.50 -6.47 18.92
CA ASN B 19 23.31 -5.85 20.19
C ASN B 19 21.82 -5.53 20.30
N VAL B 20 21.06 -6.45 20.91
CA VAL B 20 19.59 -6.33 21.06
C VAL B 20 19.26 -5.08 21.89
N ASP B 21 20.17 -4.66 22.78
CA ASP B 21 19.98 -3.50 23.64
C ASP B 21 19.90 -2.19 22.83
N GLU B 22 20.54 -2.16 21.64
CA GLU B 22 20.70 -0.95 20.82
C GLU B 22 19.86 -0.98 19.52
N VAL B 23 19.67 -2.15 18.91
CA VAL B 23 19.01 -2.24 17.61
C VAL B 23 17.53 -1.87 17.72
N GLY B 24 16.88 -2.20 18.85
CA GLY B 24 15.48 -1.84 19.06
C GLY B 24 15.25 -0.33 19.08
N GLY B 25 16.13 0.40 19.80
CA GLY B 25 16.10 1.86 19.89
C GLY B 25 16.33 2.51 18.54
N GLU B 26 17.37 2.04 17.84
CA GLU B 26 17.70 2.47 16.47
C GLU B 26 16.48 2.28 15.55
N ALA B 27 15.88 1.09 15.60
CA ALA B 27 14.76 0.73 14.72
C ALA B 27 13.56 1.63 15.00
N LEU B 28 13.17 1.75 16.27
CA LEU B 28 12.03 2.56 16.67
C LEU B 28 12.25 4.02 16.27
N GLY B 29 13.44 4.55 16.60
CA GLY B 29 13.88 5.91 16.27
C GLY B 29 13.77 6.21 14.77
N ARG B 30 14.32 5.31 13.94
CA ARG B 30 14.27 5.47 12.49
C ARG B 30 12.81 5.46 12.05
N LEU B 31 11.97 4.60 12.66
CA LEU B 31 10.56 4.56 12.31
C LEU B 31 9.92 5.93 12.57
N LEU B 32 10.15 6.49 13.75
CA LEU B 32 9.61 7.80 14.11
C LEU B 32 10.15 8.87 13.17
N VAL B 33 11.42 8.75 12.75
CA VAL B 33 12.07 9.78 11.96
C VAL B 33 11.66 9.62 10.49
N VAL B 34 11.58 8.35 10.02
CA VAL B 34 11.34 8.13 8.59
C VAL B 34 9.83 8.23 8.27
N TYR B 35 8.97 7.75 9.18
CA TYR B 35 7.49 7.67 8.97
C TYR B 35 6.83 8.48 10.07
N PRO B 36 6.94 9.82 10.00
CA PRO B 36 6.66 10.67 11.16
C PRO B 36 5.22 10.56 11.67
N TRP B 37 4.29 10.07 10.84
CA TRP B 37 2.92 9.84 11.32
C TRP B 37 2.92 8.87 12.51
N THR B 38 3.91 7.94 12.59
CA THR B 38 3.98 6.96 13.69
C THR B 38 4.24 7.63 15.05
N GLN B 39 4.66 8.90 15.06
CA GLN B 39 4.90 9.64 16.30
C GLN B 39 3.61 9.81 17.12
N ARG B 40 2.48 9.79 16.42
N ARG B 40 2.45 9.68 16.46
CA ARG B 40 1.13 9.78 16.95
CA ARG B 40 1.14 9.88 17.08
C ARG B 40 0.99 8.90 18.20
C ARG B 40 0.86 8.84 18.17
N PHE B 41 1.52 7.67 18.11
CA PHE B 41 1.31 6.62 19.13
C PHE B 41 2.29 6.75 20.30
N PHE B 42 3.28 7.65 20.19
CA PHE B 42 4.31 7.83 21.23
C PHE B 42 4.40 9.30 21.64
N GLU B 43 3.27 10.00 21.79
CA GLU B 43 3.31 11.44 22.16
C GLU B 43 3.67 11.60 23.65
N SER B 44 3.61 10.48 24.41
CA SER B 44 3.99 10.45 25.84
C SER B 44 5.51 10.35 26.03
N PHE B 45 6.27 10.19 24.94
CA PHE B 45 7.73 9.98 25.00
C PHE B 45 8.48 11.32 25.15
N GLY B 46 7.82 12.45 24.88
CA GLY B 46 8.45 13.75 25.03
C GLY B 46 8.97 14.28 23.71
N ASP B 47 10.25 14.69 23.67
CA ASP B 47 10.79 15.41 22.54
C ASP B 47 11.11 14.43 21.40
N LEU B 48 10.33 14.53 20.31
CA LEU B 48 10.52 13.82 19.04
C LEU B 48 10.64 14.83 17.89
N SER B 49 11.16 16.02 18.19
CA SER B 49 11.01 17.20 17.33
C SER B 49 12.06 17.21 16.21
N THR B 50 13.19 16.53 16.42
CA THR B 50 14.26 16.41 15.45
C THR B 50 14.77 14.97 15.43
N PRO B 51 15.46 14.56 14.34
CA PRO B 51 16.18 13.28 14.31
C PRO B 51 17.05 13.04 15.55
N ASP B 52 17.93 14.01 15.85
CA ASP B 52 18.84 13.94 17.00
C ASP B 52 18.04 13.80 18.29
N ALA B 53 16.92 14.54 18.43
CA ALA B 53 16.08 14.41 19.62
C ALA B 53 15.52 12.99 19.70
N VAL B 54 15.06 12.45 18.57
CA VAL B 54 14.40 11.11 18.56
C VAL B 54 15.41 10.03 18.95
N MET B 55 16.54 9.98 18.23
CA MET B 55 17.54 8.92 18.41
C MET B 55 18.21 9.02 19.80
N GLY B 56 18.24 10.23 20.38
CA GLY B 56 18.81 10.45 21.73
C GLY B 56 17.76 10.43 22.85
N ASN B 57 16.48 10.22 22.50
CA ASN B 57 15.40 10.23 23.48
C ASN B 57 15.50 8.97 24.34
N PRO B 58 15.63 9.09 25.68
CA PRO B 58 15.79 7.93 26.55
C PRO B 58 14.65 6.90 26.53
N LYS B 59 13.41 7.36 26.38
CA LYS B 59 12.23 6.46 26.38
C LYS B 59 12.13 5.68 25.07
N VAL B 60 12.48 6.32 23.95
CA VAL B 60 12.67 5.66 22.68
C VAL B 60 13.61 4.47 22.87
N LYS B 61 14.83 4.75 23.35
CA LYS B 61 15.86 3.72 23.51
C LYS B 61 15.39 2.69 24.54
N ALA B 62 14.78 3.18 25.62
CA ALA B 62 14.29 2.33 26.67
C ALA B 62 13.20 1.41 26.12
N HIS B 63 12.28 1.94 25.31
CA HIS B 63 11.19 1.12 24.79
C HIS B 63 11.77 0.10 23.78
N GLY B 64 12.67 0.56 22.91
CA GLY B 64 13.32 -0.30 21.91
C GLY B 64 13.97 -1.54 22.51
N LYS B 65 14.88 -1.30 23.47
CA LYS B 65 15.58 -2.36 24.17
C LYS B 65 14.60 -3.37 24.79
N LYS B 66 13.55 -2.87 25.46
CA LYS B 66 12.61 -3.71 26.21
C LYS B 66 11.92 -4.69 25.26
N VAL B 67 11.32 -4.15 24.19
CA VAL B 67 10.55 -4.95 23.26
C VAL B 67 11.51 -5.91 22.55
N LEU B 68 12.51 -5.36 21.89
CA LEU B 68 13.55 -6.15 21.26
C LEU B 68 14.52 -6.62 22.37
N GLY B 69 14.05 -7.58 23.18
CA GLY B 69 14.71 -7.98 24.42
C GLY B 69 14.26 -9.37 24.87
N ALA B 70 15.18 -10.34 24.75
CA ALA B 70 14.94 -11.78 24.99
C ALA B 70 14.16 -12.39 23.80
N PHE B 71 14.01 -11.60 22.74
CA PHE B 71 13.41 -12.01 21.48
C PHE B 71 14.50 -12.75 20.68
N SER B 72 15.34 -13.54 21.38
CA SER B 72 16.67 -13.93 20.88
C SER B 72 16.78 -15.45 20.64
N ASP B 73 17.40 -16.21 21.55
CA ASP B 73 17.80 -17.59 21.25
C ASP B 73 16.53 -18.39 20.94
N GLY B 74 16.24 -18.50 19.64
CA GLY B 74 15.02 -19.05 19.10
C GLY B 74 14.27 -18.01 18.29
N LEU B 75 13.93 -16.90 18.98
CA LEU B 75 13.31 -15.67 18.44
C LEU B 75 12.05 -15.97 17.62
N ALA B 76 11.43 -14.89 17.11
CA ALA B 76 10.26 -14.93 16.23
C ALA B 76 9.46 -16.20 16.50
N HIS B 77 9.78 -17.29 15.79
CA HIS B 77 8.98 -18.51 15.84
C HIS B 77 9.66 -19.56 16.72
N LEU B 78 10.73 -20.18 16.21
CA LEU B 78 11.31 -21.39 16.80
C LEU B 78 11.89 -21.10 18.19
N ASP B 79 11.02 -21.12 19.21
CA ASP B 79 11.42 -21.08 20.61
C ASP B 79 10.91 -22.36 21.29
N ASN B 80 11.38 -23.53 20.82
CA ASN B 80 10.93 -24.85 21.31
C ASN B 80 9.39 -24.87 21.29
N LEU B 81 8.83 -24.93 20.08
CA LEU B 81 7.42 -24.62 19.79
C LEU B 81 7.20 -23.12 20.03
N LYS B 82 5.93 -22.70 20.10
CA LYS B 82 5.52 -21.45 20.78
C LYS B 82 5.90 -20.22 19.95
N GLY B 83 5.38 -19.06 20.41
CA GLY B 83 5.93 -17.74 20.11
C GLY B 83 4.90 -16.76 19.57
N THR B 84 3.63 -16.93 19.96
CA THR B 84 2.51 -16.31 19.23
C THR B 84 2.22 -14.90 19.76
N PHE B 85 1.46 -14.17 18.95
CA PHE B 85 1.38 -12.73 18.94
C PHE B 85 -0.07 -12.29 19.20
N ALA B 86 -0.88 -13.20 19.76
CA ALA B 86 -2.31 -12.97 19.94
C ALA B 86 -2.53 -11.68 20.74
N THR B 87 -1.89 -11.62 21.90
CA THR B 87 -2.10 -10.54 22.86
C THR B 87 -1.52 -9.24 22.29
N LEU B 88 -0.45 -9.35 21.50
CA LEU B 88 0.16 -8.18 20.85
C LEU B 88 -0.75 -7.65 19.72
N SER B 89 -1.43 -8.55 18.99
CA SER B 89 -2.36 -8.16 17.93
C SER B 89 -3.53 -7.39 18.50
N GLU B 90 -4.06 -7.90 19.60
CA GLU B 90 -5.12 -7.28 20.36
C GLU B 90 -4.65 -5.88 20.80
N LEU B 91 -3.46 -5.81 21.41
CA LEU B 91 -2.92 -4.54 21.85
C LEU B 91 -2.82 -3.59 20.65
N HIS B 92 -2.17 -4.05 19.57
CA HIS B 92 -1.78 -3.16 18.47
C HIS B 92 -3.00 -2.85 17.58
N CYS B 93 -3.94 -3.79 17.44
CA CYS B 93 -5.12 -3.63 16.59
C CYS B 93 -6.30 -3.05 17.41
N ASP B 94 -6.72 -3.73 18.50
CA ASP B 94 -7.97 -3.41 19.24
C ASP B 94 -7.80 -2.15 20.13
N LYS B 95 -6.63 -2.00 20.75
CA LYS B 95 -6.38 -0.91 21.68
C LYS B 95 -5.75 0.30 20.95
N LEU B 96 -4.67 0.08 20.20
CA LEU B 96 -3.89 1.20 19.68
C LEU B 96 -4.41 1.66 18.30
N HIS B 97 -5.04 0.74 17.55
CA HIS B 97 -5.59 1.02 16.20
C HIS B 97 -4.49 1.46 15.22
N VAL B 98 -3.33 0.80 15.30
CA VAL B 98 -2.20 0.98 14.39
C VAL B 98 -2.58 0.33 13.07
N ASP B 99 -2.51 1.09 11.97
CA ASP B 99 -2.71 0.49 10.68
C ASP B 99 -1.67 -0.60 10.51
N PRO B 100 -2.04 -1.83 10.07
CA PRO B 100 -1.07 -2.93 9.98
C PRO B 100 0.04 -2.66 8.95
N GLU B 101 -0.18 -1.75 8.00
CA GLU B 101 0.88 -1.33 7.09
C GLU B 101 2.13 -0.93 7.87
N ASN B 102 1.96 -0.28 9.03
CA ASN B 102 3.10 0.15 9.87
C ASN B 102 3.90 -1.07 10.40
N PHE B 103 3.29 -2.26 10.47
CA PHE B 103 3.99 -3.45 10.94
C PHE B 103 5.03 -3.85 9.89
N ARG B 104 4.62 -3.73 8.62
CA ARG B 104 5.47 -3.97 7.46
C ARG B 104 6.58 -2.89 7.42
N LEU B 105 6.23 -1.63 7.67
CA LEU B 105 7.21 -0.53 7.59
C LEU B 105 8.30 -0.75 8.63
N LEU B 106 7.91 -1.02 9.89
CA LEU B 106 8.87 -1.15 10.98
C LEU B 106 9.83 -2.32 10.72
N GLY B 107 9.31 -3.44 10.19
CA GLY B 107 10.10 -4.59 9.73
C GLY B 107 11.14 -4.17 8.69
N ASN B 108 10.72 -3.30 7.79
CA ASN B 108 11.56 -2.80 6.71
C ASN B 108 12.67 -1.93 7.29
N VAL B 109 12.32 -1.12 8.30
CA VAL B 109 13.27 -0.28 9.02
C VAL B 109 14.29 -1.15 9.76
N LEU B 110 13.84 -2.18 10.49
CA LEU B 110 14.75 -3.10 11.18
C LEU B 110 15.71 -3.70 10.15
N VAL B 111 15.17 -4.09 8.98
CA VAL B 111 16.03 -4.66 7.94
C VAL B 111 17.06 -3.61 7.52
N CYS B 112 16.63 -2.35 7.40
CA CYS B 112 17.59 -1.25 7.07
C CYS B 112 18.67 -1.11 8.16
N VAL B 113 18.25 -1.21 9.43
CA VAL B 113 19.15 -1.14 10.57
C VAL B 113 20.18 -2.28 10.49
N LEU B 114 19.71 -3.51 10.22
CA LEU B 114 20.62 -4.67 10.15
C LEU B 114 21.60 -4.51 8.99
N ALA B 115 21.16 -3.94 7.87
CA ALA B 115 22.03 -3.82 6.72
C ALA B 115 23.16 -2.81 7.03
N HIS B 116 22.79 -1.74 7.74
CA HIS B 116 23.67 -0.65 8.18
C HIS B 116 24.77 -1.20 9.12
N HIS B 117 24.37 -2.06 10.06
CA HIS B 117 25.25 -2.59 11.10
C HIS B 117 26.16 -3.71 10.57
N PHE B 118 25.70 -4.49 9.59
CA PHE B 118 26.42 -5.67 9.14
C PHE B 118 26.99 -5.52 7.73
N GLY B 119 26.63 -4.45 7.00
CA GLY B 119 27.22 -4.16 5.72
C GLY B 119 27.18 -5.36 4.79
N LYS B 120 28.35 -5.75 4.28
CA LYS B 120 28.55 -6.80 3.29
C LYS B 120 28.00 -8.15 3.79
N GLU B 121 27.99 -8.34 5.11
CA GLU B 121 27.54 -9.59 5.72
C GLU B 121 26.02 -9.76 5.50
N PHE B 122 25.27 -8.66 5.46
CA PHE B 122 23.83 -8.69 5.20
C PHE B 122 23.59 -8.88 3.70
N THR B 123 23.80 -10.13 3.25
CA THR B 123 23.80 -10.49 1.83
C THR B 123 22.37 -10.53 1.32
N PRO B 124 22.13 -10.52 -0.01
CA PRO B 124 20.79 -10.71 -0.57
C PRO B 124 20.07 -11.93 0.00
N PRO B 125 20.67 -13.14 0.07
CA PRO B 125 20.00 -14.29 0.69
C PRO B 125 19.66 -14.08 2.18
N VAL B 126 20.58 -13.46 2.93
CA VAL B 126 20.37 -13.14 4.33
C VAL B 126 19.18 -12.17 4.47
N GLN B 127 19.09 -11.19 3.57
CA GLN B 127 17.99 -10.23 3.57
C GLN B 127 16.68 -10.95 3.28
N ALA B 128 16.67 -11.81 2.24
CA ALA B 128 15.45 -12.54 1.84
C ALA B 128 14.88 -13.32 3.03
N ALA B 129 15.79 -13.92 3.80
CA ALA B 129 15.42 -14.67 4.99
C ALA B 129 14.73 -13.75 6.00
N TYR B 130 15.37 -12.64 6.34
CA TYR B 130 14.78 -11.60 7.21
C TYR B 130 13.44 -11.05 6.67
N GLN B 131 13.29 -10.86 5.34
CA GLN B 131 12.01 -10.36 4.78
C GLN B 131 10.84 -11.31 5.13
N LYS B 132 11.06 -12.63 5.05
CA LYS B 132 10.03 -13.62 5.44
C LYS B 132 9.68 -13.46 6.92
N VAL B 133 10.68 -13.21 7.77
CA VAL B 133 10.43 -13.06 9.18
C VAL B 133 9.59 -11.78 9.36
N VAL B 134 9.95 -10.70 8.67
CA VAL B 134 9.24 -9.44 8.88
C VAL B 134 7.81 -9.58 8.36
N ALA B 135 7.63 -10.32 7.27
CA ALA B 135 6.31 -10.62 6.72
C ALA B 135 5.49 -11.49 7.69
N GLY B 136 6.16 -12.48 8.31
CA GLY B 136 5.53 -13.40 9.27
C GLY B 136 5.06 -12.68 10.52
N VAL B 137 5.93 -11.87 11.13
CA VAL B 137 5.60 -11.07 12.29
C VAL B 137 4.44 -10.11 11.98
N ALA B 138 4.60 -9.35 10.88
CA ALA B 138 3.59 -8.40 10.43
C ALA B 138 2.21 -9.06 10.37
N ASN B 139 2.12 -10.18 9.63
CA ASN B 139 0.85 -10.90 9.47
C ASN B 139 0.32 -11.33 10.84
N ALA B 140 1.18 -11.85 11.72
CA ALA B 140 0.73 -12.30 13.04
C ALA B 140 0.10 -11.13 13.81
N LEU B 141 0.75 -9.96 13.81
CA LEU B 141 0.25 -8.80 14.57
C LEU B 141 -1.09 -8.31 14.01
N ALA B 142 -1.36 -8.53 12.72
CA ALA B 142 -2.58 -8.02 12.09
C ALA B 142 -3.74 -9.01 12.22
N HIS B 143 -3.57 -10.08 13.02
CA HIS B 143 -4.54 -11.18 13.07
C HIS B 143 -5.96 -10.69 13.40
N LYS B 144 -6.08 -9.64 14.23
CA LYS B 144 -7.39 -9.08 14.63
C LYS B 144 -8.05 -8.31 13.48
N TYR B 145 -7.26 -7.65 12.63
CA TYR B 145 -7.80 -6.97 11.44
C TYR B 145 -8.33 -8.00 10.41
N HIS B 146 -7.85 -9.25 10.51
CA HIS B 146 -8.42 -10.39 9.78
C HIS B 146 -9.65 -10.91 10.56
N VAL C 1 -0.98 12.02 -14.57
CA VAL C 1 -1.94 11.05 -15.16
C VAL C 1 -3.03 11.80 -15.93
N LEU C 2 -3.57 12.87 -15.33
CA LEU C 2 -4.93 13.35 -15.61
C LEU C 2 -5.07 13.77 -17.07
N SER C 3 -5.71 12.88 -17.84
CA SER C 3 -5.98 13.06 -19.28
C SER C 3 -7.22 13.93 -19.46
N PRO C 4 -7.38 14.55 -20.66
CA PRO C 4 -8.59 15.31 -20.98
C PRO C 4 -9.86 14.48 -20.76
N ALA C 5 -9.86 13.24 -21.26
CA ALA C 5 -10.95 12.29 -21.04
C ALA C 5 -11.24 12.13 -19.53
N ASP C 6 -10.20 12.09 -18.68
CA ASP C 6 -10.43 11.96 -17.23
C ASP C 6 -11.05 13.25 -16.65
N LYS C 7 -10.55 14.40 -17.12
CA LYS C 7 -11.09 15.68 -16.72
C LYS C 7 -12.57 15.77 -17.14
N THR C 8 -12.88 15.36 -18.38
CA THR C 8 -14.25 15.30 -18.91
C THR C 8 -15.14 14.43 -18.02
N ASN C 9 -14.67 13.23 -17.68
CA ASN C 9 -15.43 12.28 -16.82
C ASN C 9 -15.61 12.87 -15.42
N VAL C 10 -14.54 13.42 -14.85
CA VAL C 10 -14.60 13.94 -13.50
C VAL C 10 -15.61 15.10 -13.43
N LYS C 11 -15.60 16.00 -14.44
CA LYS C 11 -16.59 17.10 -14.54
C LYS C 11 -18.02 16.56 -14.67
N ALA C 12 -18.22 15.51 -15.48
CA ALA C 12 -19.54 14.93 -15.67
C ALA C 12 -20.09 14.43 -14.33
N ALA C 13 -19.25 13.75 -13.54
CA ALA C 13 -19.65 13.19 -12.26
C ALA C 13 -19.97 14.34 -11.27
N TRP C 14 -19.12 15.35 -11.26
CA TRP C 14 -19.30 16.55 -10.43
C TRP C 14 -20.65 17.23 -10.76
N GLY C 15 -20.97 17.40 -12.03
CA GLY C 15 -22.27 17.96 -12.45
C GLY C 15 -23.46 17.18 -11.90
N LYS C 16 -23.37 15.85 -11.89
CA LYS C 16 -24.48 15.03 -11.40
C LYS C 16 -24.54 15.01 -9.87
N VAL C 17 -23.39 14.96 -9.20
CA VAL C 17 -23.36 15.15 -7.75
C VAL C 17 -24.07 16.48 -7.44
N GLY C 18 -23.81 17.50 -8.26
CA GLY C 18 -24.36 18.83 -8.04
C GLY C 18 -24.19 19.28 -6.59
N ALA C 19 -25.27 19.88 -6.07
CA ALA C 19 -25.35 20.47 -4.74
C ALA C 19 -25.40 19.43 -3.60
N HIS C 20 -25.40 18.12 -3.93
CA HIS C 20 -25.39 17.06 -2.93
C HIS C 20 -23.98 16.76 -2.42
N ALA C 21 -22.98 17.55 -2.85
CA ALA C 21 -21.54 17.23 -2.60
C ALA C 21 -21.25 17.11 -1.09
N GLY C 22 -21.69 18.12 -0.33
CA GLY C 22 -21.58 18.13 1.15
C GLY C 22 -22.14 16.86 1.77
N GLU C 23 -23.37 16.53 1.35
CA GLU C 23 -24.12 15.39 1.87
C GLU C 23 -23.37 14.09 1.52
N TYR C 24 -22.77 14.05 0.32
CA TYR C 24 -22.01 12.86 -0.12
C TYR C 24 -20.70 12.75 0.67
N GLY C 25 -20.11 13.92 0.98
CA GLY C 25 -18.93 14.07 1.83
C GLY C 25 -19.14 13.46 3.21
N ALA C 26 -20.27 13.80 3.84
CA ALA C 26 -20.71 13.20 5.10
C ALA C 26 -20.84 11.68 4.98
N GLU C 27 -21.57 11.25 3.96
CA GLU C 27 -21.80 9.82 3.76
C GLU C 27 -20.49 9.04 3.61
N ALA C 28 -19.55 9.59 2.82
CA ALA C 28 -18.21 8.96 2.63
C ALA C 28 -17.53 8.70 3.98
N LEU C 29 -17.50 9.74 4.82
CA LEU C 29 -16.90 9.67 6.13
C LEU C 29 -17.52 8.54 6.95
N GLU C 30 -18.85 8.54 7.07
CA GLU C 30 -19.53 7.53 7.86
C GLU C 30 -19.21 6.15 7.29
N ARG C 31 -19.10 6.07 5.96
CA ARG C 31 -18.74 4.84 5.31
C ARG C 31 -17.35 4.42 5.80
N MET C 32 -16.44 5.39 5.86
CA MET C 32 -15.06 5.13 6.27
C MET C 32 -14.99 4.73 7.74
N PHE C 33 -15.72 5.44 8.63
CA PHE C 33 -15.68 5.19 10.10
C PHE C 33 -16.19 3.78 10.45
N LEU C 34 -17.26 3.34 9.80
CA LEU C 34 -17.84 2.01 10.01
C LEU C 34 -16.98 0.92 9.34
N SER C 35 -16.49 1.15 8.12
CA SER C 35 -15.77 0.12 7.38
C SER C 35 -14.33 -0.03 7.88
N PHE C 36 -13.74 1.10 8.30
CA PHE C 36 -12.33 1.15 8.65
C PHE C 36 -12.22 1.82 10.02
N PRO C 37 -12.60 1.12 11.12
CA PRO C 37 -12.65 1.71 12.45
C PRO C 37 -11.35 2.35 12.95
N THR C 38 -10.19 1.96 12.44
CA THR C 38 -8.95 2.58 12.87
C THR C 38 -8.98 4.09 12.55
N THR C 39 -9.76 4.48 11.53
CA THR C 39 -9.80 5.88 11.12
C THR C 39 -10.45 6.76 12.20
N LYS C 40 -11.24 6.16 13.09
CA LYS C 40 -12.05 6.89 14.07
C LYS C 40 -11.16 7.64 15.07
N THR C 41 -9.95 7.13 15.32
CA THR C 41 -9.10 7.69 16.38
C THR C 41 -8.62 9.10 16.01
N TYR C 42 -8.81 9.48 14.74
CA TYR C 42 -8.46 10.83 14.33
C TYR C 42 -9.56 11.83 14.73
N PHE C 43 -10.71 11.33 15.20
CA PHE C 43 -11.85 12.17 15.51
C PHE C 43 -12.42 11.79 16.89
N PRO C 44 -11.61 11.78 17.98
CA PRO C 44 -12.12 11.45 19.31
C PRO C 44 -13.17 12.46 19.79
N HIS C 45 -12.97 13.74 19.41
CA HIS C 45 -13.87 14.83 19.77
C HIS C 45 -15.16 14.82 18.93
N PHE C 46 -15.28 13.92 17.93
CA PHE C 46 -16.49 13.84 17.16
C PHE C 46 -17.43 12.84 17.78
N ASP C 47 -18.72 13.15 17.71
CA ASP C 47 -19.77 12.14 17.75
C ASP C 47 -19.96 11.61 16.33
N LEU C 48 -19.63 10.32 16.13
CA LEU C 48 -19.58 9.70 14.79
C LEU C 48 -20.81 8.83 14.52
N SER C 49 -21.82 8.86 15.40
CA SER C 49 -23.08 8.13 15.17
C SER C 49 -23.81 8.75 13.97
N HIS C 50 -24.79 8.03 13.41
CA HIS C 50 -25.53 8.54 12.24
C HIS C 50 -26.28 9.83 12.62
N GLY C 51 -26.18 10.82 11.74
CA GLY C 51 -26.89 12.07 11.87
C GLY C 51 -26.13 13.09 12.68
N SER C 52 -24.89 12.78 13.02
CA SER C 52 -24.08 13.69 13.74
C SER C 52 -23.93 14.96 12.91
N ALA C 53 -24.09 16.09 13.60
CA ALA C 53 -23.96 17.40 13.01
C ALA C 53 -22.48 17.68 12.71
N GLN C 54 -21.55 17.12 13.51
CA GLN C 54 -20.11 17.34 13.28
C GLN C 54 -19.66 16.59 12.00
N VAL C 55 -20.21 15.40 11.73
CA VAL C 55 -19.90 14.59 10.52
C VAL C 55 -20.47 15.31 9.27
N LYS C 56 -21.73 15.77 9.36
CA LYS C 56 -22.35 16.62 8.33
C LYS C 56 -21.47 17.83 8.00
N GLY C 57 -21.11 18.60 9.02
CA GLY C 57 -20.27 19.79 8.86
C GLY C 57 -18.90 19.45 8.30
N HIS C 58 -18.32 18.34 8.77
CA HIS C 58 -16.98 17.95 8.29
C HIS C 58 -17.08 17.45 6.85
N GLY C 59 -18.22 16.85 6.51
CA GLY C 59 -18.51 16.38 5.19
C GLY C 59 -18.46 17.49 4.14
N LYS C 60 -18.94 18.68 4.53
CA LYS C 60 -19.03 19.84 3.62
C LYS C 60 -17.63 20.39 3.36
N LYS C 61 -16.79 20.39 4.41
CA LYS C 61 -15.42 20.86 4.31
C LYS C 61 -14.64 19.94 3.35
N VAL C 62 -14.83 18.62 3.50
CA VAL C 62 -14.20 17.63 2.66
C VAL C 62 -14.61 17.86 1.20
N ALA C 63 -15.92 17.98 0.98
CA ALA C 63 -16.51 18.14 -0.34
C ALA C 63 -16.04 19.46 -0.98
N ASP C 64 -16.03 20.52 -0.17
CA ASP C 64 -15.45 21.84 -0.53
C ASP C 64 -14.00 21.74 -1.03
N ALA C 65 -13.18 20.96 -0.34
CA ALA C 65 -11.79 20.78 -0.78
C ALA C 65 -11.72 19.96 -2.08
N LEU C 66 -12.56 18.93 -2.20
CA LEU C 66 -12.61 18.10 -3.42
C LEU C 66 -13.06 18.94 -4.63
N THR C 67 -14.10 19.78 -4.47
CA THR C 67 -14.56 20.62 -5.59
C THR C 67 -13.50 21.67 -5.92
N ASN C 68 -12.81 22.20 -4.90
CA ASN C 68 -11.61 23.06 -5.13
C ASN C 68 -10.58 22.31 -5.99
N ALA C 69 -10.32 21.04 -5.66
CA ALA C 69 -9.43 20.20 -6.46
C ALA C 69 -9.95 20.06 -7.91
N VAL C 70 -11.25 19.83 -8.09
CA VAL C 70 -11.83 19.67 -9.42
C VAL C 70 -11.65 20.96 -10.22
N ALA C 71 -11.75 22.11 -9.53
CA ALA C 71 -11.79 23.43 -10.16
C ALA C 71 -10.39 23.88 -10.55
N HIS C 72 -9.37 23.20 -10.00
CA HIS C 72 -7.98 23.54 -10.19
C HIS C 72 -7.19 22.26 -10.43
N VAL C 73 -7.74 21.39 -11.27
CA VAL C 73 -7.23 20.07 -11.46
C VAL C 73 -5.80 20.13 -12.00
N ASP C 74 -5.49 21.17 -12.80
CA ASP C 74 -4.20 21.34 -13.46
C ASP C 74 -3.10 21.83 -12.50
N ASP C 75 -3.48 22.34 -11.31
CA ASP C 75 -2.51 22.80 -10.31
C ASP C 75 -3.05 22.54 -8.88
N MET C 76 -3.29 21.26 -8.59
CA MET C 76 -3.71 20.79 -7.27
C MET C 76 -2.63 21.11 -6.23
N PRO C 77 -1.32 20.90 -6.52
CA PRO C 77 -0.27 21.18 -5.54
C PRO C 77 -0.37 22.56 -4.89
N ASN C 78 -0.59 23.59 -5.71
CA ASN C 78 -0.80 24.98 -5.26
C ASN C 78 -2.14 25.13 -4.50
N ALA C 79 -3.22 24.62 -5.10
CA ALA C 79 -4.57 24.63 -4.51
C ALA C 79 -4.56 24.03 -3.09
N LEU C 80 -4.20 22.74 -2.98
CA LEU C 80 -4.34 21.97 -1.74
C LEU C 80 -3.13 22.16 -0.81
N SER C 81 -2.38 23.25 -0.95
CA SER C 81 -1.07 23.35 -0.28
C SER C 81 -1.21 23.25 1.24
N ALA C 82 -2.03 24.15 1.80
CA ALA C 82 -2.18 24.27 3.25
C ALA C 82 -2.73 22.95 3.82
N LEU C 83 -3.69 22.36 3.11
CA LEU C 83 -4.35 21.12 3.50
C LEU C 83 -3.34 19.97 3.67
N SER C 84 -2.32 19.93 2.81
CA SER C 84 -1.25 18.91 2.86
C SER C 84 -0.39 19.07 4.11
N ASP C 85 -0.09 20.33 4.47
CA ASP C 85 0.66 20.65 5.70
C ASP C 85 -0.19 20.34 6.93
N LEU C 86 -1.50 20.64 6.87
CA LEU C 86 -2.40 20.30 7.97
C LEU C 86 -2.39 18.78 8.23
N HIS C 87 -2.62 17.97 7.19
CA HIS C 87 -2.82 16.52 7.38
C HIS C 87 -1.51 15.83 7.77
N ALA C 88 -0.37 16.33 7.25
CA ALA C 88 0.95 15.76 7.54
C ALA C 88 1.43 16.22 8.91
N HIS C 89 1.70 17.53 9.03
CA HIS C 89 2.44 18.10 10.15
C HIS C 89 1.60 18.09 11.42
N LYS C 90 0.41 18.69 11.39
CA LYS C 90 -0.41 18.77 12.58
C LYS C 90 -1.10 17.43 12.86
N LEU C 91 -1.77 16.85 11.85
CA LEU C 91 -2.74 15.78 12.14
C LEU C 91 -2.08 14.40 12.12
N ARG C 92 -0.89 14.28 11.51
CA ARG C 92 -0.13 13.02 11.45
C ARG C 92 -0.97 11.92 10.79
N VAL C 93 -1.67 12.24 9.70
CA VAL C 93 -2.56 11.24 9.07
C VAL C 93 -1.70 10.23 8.30
N ASP C 94 -1.83 8.98 8.72
CA ASP C 94 -1.18 7.87 8.10
C ASP C 94 -1.63 7.80 6.63
N PRO C 95 -0.68 7.79 5.65
CA PRO C 95 -1.05 7.91 4.24
C PRO C 95 -1.99 6.82 3.72
N VAL C 96 -1.89 5.62 4.31
CA VAL C 96 -2.80 4.51 4.00
C VAL C 96 -4.25 4.99 4.15
N ASN C 97 -4.53 5.93 5.05
CA ASN C 97 -5.93 6.33 5.34
C ASN C 97 -6.54 7.11 4.18
N PHE C 98 -5.70 7.76 3.36
CA PHE C 98 -6.17 8.40 2.11
C PHE C 98 -6.76 7.38 1.14
N LYS C 99 -6.21 6.16 1.07
CA LYS C 99 -6.76 5.17 0.17
C LYS C 99 -8.16 4.75 0.65
N LEU C 100 -8.31 4.69 1.97
CA LEU C 100 -9.53 4.18 2.57
C LEU C 100 -10.66 5.20 2.29
N LEU C 101 -10.40 6.48 2.56
CA LEU C 101 -11.42 7.47 2.33
C LEU C 101 -11.68 7.59 0.83
N SER C 102 -10.63 7.52 0.00
CA SER C 102 -10.80 7.57 -1.45
C SER C 102 -11.80 6.49 -1.90
N HIS C 103 -11.62 5.29 -1.35
CA HIS C 103 -12.46 4.16 -1.67
C HIS C 103 -13.90 4.45 -1.22
N CYS C 104 -14.08 5.06 -0.04
CA CYS C 104 -15.44 5.31 0.44
C CYS C 104 -16.13 6.39 -0.42
N LEU C 105 -15.33 7.35 -0.90
CA LEU C 105 -15.82 8.43 -1.76
C LEU C 105 -16.28 7.84 -3.09
N LEU C 106 -15.51 6.88 -3.61
CA LEU C 106 -15.90 6.19 -4.84
C LEU C 106 -17.23 5.46 -4.63
N VAL C 107 -17.34 4.72 -3.53
CA VAL C 107 -18.50 3.89 -3.21
C VAL C 107 -19.74 4.78 -3.09
N THR C 108 -19.59 5.91 -2.37
CA THR C 108 -20.66 6.87 -2.22
C THR C 108 -21.15 7.30 -3.60
N LEU C 109 -20.21 7.68 -4.47
CA LEU C 109 -20.51 8.17 -5.82
C LEU C 109 -21.24 7.09 -6.62
N ALA C 110 -20.73 5.85 -6.55
CA ALA C 110 -21.32 4.70 -7.21
C ALA C 110 -22.78 4.54 -6.78
N ALA C 111 -23.02 4.69 -5.47
CA ALA C 111 -24.35 4.55 -4.86
C ALA C 111 -25.31 5.67 -5.29
N HIS C 112 -24.80 6.80 -5.78
CA HIS C 112 -25.70 7.96 -6.06
C HIS C 112 -25.78 8.27 -7.57
N LEU C 113 -24.82 7.78 -8.36
CA LEU C 113 -24.67 8.08 -9.82
C LEU C 113 -24.98 6.85 -10.68
N PRO C 114 -26.23 6.34 -10.70
CA PRO C 114 -26.57 5.17 -11.53
C PRO C 114 -25.99 5.19 -12.95
N ALA C 115 -26.26 6.26 -13.70
CA ALA C 115 -25.87 6.42 -15.11
C ALA C 115 -24.39 6.80 -15.26
N GLU C 116 -23.91 7.72 -14.42
CA GLU C 116 -22.58 8.31 -14.59
C GLU C 116 -21.44 7.34 -14.20
N PHE C 117 -21.63 6.45 -13.22
CA PHE C 117 -20.49 5.62 -12.76
C PHE C 117 -20.23 4.41 -13.68
N THR C 118 -19.90 4.69 -14.94
CA THR C 118 -19.48 3.70 -15.91
C THR C 118 -18.06 3.25 -15.58
N PRO C 119 -17.57 2.16 -16.21
CA PRO C 119 -16.20 1.71 -15.97
C PRO C 119 -15.15 2.79 -16.24
N ALA C 120 -15.30 3.58 -17.31
CA ALA C 120 -14.32 4.62 -17.64
C ALA C 120 -14.41 5.75 -16.60
N VAL C 121 -15.62 6.10 -16.16
CA VAL C 121 -15.78 7.17 -15.18
C VAL C 121 -15.19 6.73 -13.83
N HIS C 122 -15.37 5.46 -13.46
CA HIS C 122 -14.83 4.86 -12.25
C HIS C 122 -13.30 5.01 -12.24
N ALA C 123 -12.66 4.68 -13.37
CA ALA C 123 -11.22 4.81 -13.51
C ALA C 123 -10.80 6.28 -13.38
N SER C 124 -11.52 7.20 -14.03
CA SER C 124 -11.17 8.60 -14.02
C SER C 124 -11.26 9.16 -12.60
N LEU C 125 -12.37 8.83 -11.89
CA LEU C 125 -12.58 9.24 -10.46
C LEU C 125 -11.49 8.64 -9.55
N ASP C 126 -11.13 7.38 -9.78
CA ASP C 126 -10.07 6.80 -8.96
C ASP C 126 -8.75 7.56 -9.16
N LYS C 127 -8.44 7.86 -10.41
CA LYS C 127 -7.25 8.65 -10.74
C LYS C 127 -7.30 10.05 -10.11
N PHE C 128 -8.48 10.66 -10.14
CA PHE C 128 -8.68 11.97 -9.53
C PHE C 128 -8.36 11.93 -8.04
N LEU C 129 -8.99 10.98 -7.32
CA LEU C 129 -8.81 10.92 -5.83
C LEU C 129 -7.37 10.53 -5.48
N ALA C 130 -6.75 9.66 -6.28
CA ALA C 130 -5.33 9.29 -6.13
C ALA C 130 -4.41 10.52 -6.30
N SER C 131 -4.75 11.43 -7.22
CA SER C 131 -3.98 12.69 -7.34
C SER C 131 -4.16 13.60 -6.10
N VAL C 132 -5.40 13.72 -5.60
CA VAL C 132 -5.69 14.51 -4.43
C VAL C 132 -4.88 13.91 -3.26
N SER C 133 -4.94 12.57 -3.13
CA SER C 133 -4.25 11.82 -2.06
C SER C 133 -2.71 12.02 -2.13
N THR C 134 -2.15 12.00 -3.34
CA THR C 134 -0.71 12.30 -3.60
C THR C 134 -0.35 13.71 -3.11
N VAL C 135 -1.17 14.71 -3.48
CA VAL C 135 -0.95 16.07 -2.99
C VAL C 135 -1.05 16.10 -1.47
N LEU C 136 -2.11 15.51 -0.90
CA LEU C 136 -2.30 15.60 0.56
C LEU C 136 -1.20 14.87 1.38
N THR C 137 -0.47 13.93 0.74
CA THR C 137 0.61 13.19 1.41
C THR C 137 2.01 13.76 1.04
N SER C 138 2.08 14.72 0.12
CA SER C 138 3.32 15.26 -0.47
C SER C 138 4.26 15.81 0.61
N LYS C 139 3.67 16.30 1.71
CA LYS C 139 4.41 16.79 2.87
C LYS C 139 4.58 15.63 3.87
N LEU D 3 -17.60 -12.65 11.24
CA LEU D 3 -18.75 -11.72 11.07
C LEU D 3 -19.71 -11.91 12.25
N THR D 4 -20.34 -10.81 12.68
CA THR D 4 -21.46 -10.85 13.60
C THR D 4 -22.71 -11.28 12.83
N PRO D 5 -23.76 -11.78 13.53
CA PRO D 5 -25.03 -12.11 12.88
C PRO D 5 -25.60 -10.94 12.04
N GLU D 6 -25.49 -9.72 12.59
CA GLU D 6 -25.82 -8.45 11.87
C GLU D 6 -25.05 -8.36 10.55
N GLU D 7 -23.77 -8.71 10.54
CA GLU D 7 -22.95 -8.57 9.32
C GLU D 7 -23.37 -9.66 8.31
N LYS D 8 -23.48 -10.90 8.78
CA LYS D 8 -23.87 -11.99 7.87
C LYS D 8 -25.24 -11.66 7.25
N SER D 9 -26.14 -11.11 8.07
CA SER D 9 -27.47 -10.74 7.64
C SER D 9 -27.37 -9.74 6.48
N ALA D 10 -26.66 -8.62 6.72
CA ALA D 10 -26.41 -7.57 5.73
C ALA D 10 -25.84 -8.17 4.44
N VAL D 11 -24.86 -9.07 4.59
CA VAL D 11 -24.16 -9.70 3.46
C VAL D 11 -25.10 -10.66 2.68
N THR D 12 -25.82 -11.54 3.38
CA THR D 12 -26.59 -12.59 2.72
C THR D 12 -27.86 -11.99 2.11
N ALA D 13 -28.49 -11.03 2.80
CA ALA D 13 -29.76 -10.44 2.32
C ALA D 13 -29.54 -9.74 0.97
N LEU D 14 -28.41 -9.02 0.85
CA LEU D 14 -28.04 -8.35 -0.38
C LEU D 14 -27.64 -9.38 -1.42
N TRP D 15 -26.81 -10.36 -1.02
CA TRP D 15 -26.23 -11.33 -1.94
C TRP D 15 -27.33 -12.17 -2.64
N GLY D 16 -28.42 -12.44 -1.91
CA GLY D 16 -29.63 -13.07 -2.47
C GLY D 16 -30.12 -12.40 -3.75
N LYS D 17 -29.95 -11.08 -3.87
CA LYS D 17 -30.51 -10.30 -4.99
C LYS D 17 -29.47 -9.99 -6.08
N VAL D 18 -28.28 -10.59 -5.97
CA VAL D 18 -27.20 -10.30 -6.93
C VAL D 18 -27.44 -11.17 -8.16
N ASN D 19 -27.26 -10.54 -9.32
CA ASN D 19 -27.16 -11.22 -10.59
C ASN D 19 -25.73 -11.76 -10.71
N VAL D 20 -25.50 -12.96 -10.15
CA VAL D 20 -24.18 -13.62 -10.15
C VAL D 20 -23.53 -13.54 -11.54
N ASP D 21 -24.24 -13.96 -12.59
CA ASP D 21 -23.76 -13.92 -13.98
C ASP D 21 -23.08 -12.57 -14.24
N GLU D 22 -23.81 -11.48 -13.97
CA GLU D 22 -23.43 -10.13 -14.44
C GLU D 22 -22.32 -9.53 -13.57
N VAL D 23 -22.34 -9.82 -12.26
CA VAL D 23 -21.54 -9.08 -11.29
C VAL D 23 -20.07 -9.53 -11.38
N GLY D 24 -19.85 -10.82 -11.63
CA GLY D 24 -18.55 -11.41 -11.88
C GLY D 24 -17.82 -10.75 -13.04
N GLY D 25 -18.51 -10.68 -14.19
CA GLY D 25 -17.96 -10.07 -15.42
C GLY D 25 -17.70 -8.59 -15.24
N GLU D 26 -18.66 -7.93 -14.60
CA GLU D 26 -18.62 -6.52 -14.25
C GLU D 26 -17.38 -6.22 -13.39
N ALA D 27 -17.22 -6.95 -12.29
CA ALA D 27 -16.14 -6.72 -11.34
C ALA D 27 -14.77 -6.94 -12.02
N LEU D 28 -14.64 -8.01 -12.81
CA LEU D 28 -13.34 -8.34 -13.43
C LEU D 28 -12.98 -7.26 -14.46
N GLY D 29 -13.95 -6.92 -15.30
CA GLY D 29 -13.84 -5.88 -16.31
C GLY D 29 -13.36 -4.57 -15.74
N ARG D 30 -14.01 -4.10 -14.66
CA ARG D 30 -13.62 -2.84 -14.02
C ARG D 30 -12.22 -2.94 -13.41
N LEU D 31 -11.79 -4.12 -12.92
CA LEU D 31 -10.43 -4.27 -12.38
C LEU D 31 -9.42 -4.03 -13.52
N LEU D 32 -9.68 -4.67 -14.66
CA LEU D 32 -8.84 -4.57 -15.83
C LEU D 32 -8.79 -3.12 -16.32
N VAL D 33 -9.92 -2.41 -16.18
CA VAL D 33 -10.05 -1.07 -16.71
C VAL D 33 -9.43 -0.08 -15.71
N VAL D 34 -9.73 -0.29 -14.42
CA VAL D 34 -9.37 0.69 -13.39
C VAL D 34 -7.89 0.53 -13.02
N TYR D 35 -7.40 -0.72 -13.04
CA TYR D 35 -6.08 -1.12 -12.55
C TYR D 35 -5.40 -1.88 -13.68
N PRO D 36 -5.02 -1.15 -14.75
CA PRO D 36 -4.73 -1.78 -16.03
C PRO D 36 -3.52 -2.72 -15.96
N TRP D 37 -2.68 -2.61 -14.93
CA TRP D 37 -1.55 -3.55 -14.77
C TRP D 37 -2.08 -4.98 -14.66
N THR D 38 -3.31 -5.16 -14.15
CA THR D 38 -3.91 -6.47 -13.95
C THR D 38 -4.14 -7.20 -15.30
N GLN D 39 -4.21 -6.46 -16.40
CA GLN D 39 -4.35 -7.04 -17.75
C GLN D 39 -3.24 -8.07 -18.04
N ARG D 40 -2.07 -7.87 -17.43
CA ARG D 40 -0.87 -8.66 -17.62
C ARG D 40 -1.17 -10.15 -17.42
N PHE D 41 -2.14 -10.46 -16.56
CA PHE D 41 -2.49 -11.85 -16.22
C PHE D 41 -3.59 -12.41 -17.13
N PHE D 42 -4.20 -11.59 -17.99
CA PHE D 42 -5.30 -12.03 -18.84
C PHE D 42 -4.98 -11.77 -20.32
N GLU D 43 -3.76 -12.15 -20.72
CA GLU D 43 -3.27 -11.98 -22.11
C GLU D 43 -4.12 -12.81 -23.07
N SER D 44 -4.56 -13.99 -22.62
CA SER D 44 -5.28 -14.98 -23.46
C SER D 44 -6.69 -14.50 -23.84
N PHE D 45 -7.14 -13.40 -23.23
CA PHE D 45 -8.52 -12.91 -23.38
C PHE D 45 -8.67 -12.05 -24.64
N GLY D 46 -7.56 -11.64 -25.26
CA GLY D 46 -7.59 -10.87 -26.50
C GLY D 46 -7.78 -9.38 -26.26
N ASP D 47 -8.83 -8.78 -26.86
CA ASP D 47 -9.01 -7.32 -26.91
C ASP D 47 -9.38 -6.80 -25.51
N LEU D 48 -8.44 -6.06 -24.90
CA LEU D 48 -8.65 -5.32 -23.64
C LEU D 48 -8.21 -3.87 -23.83
N SER D 49 -8.39 -3.35 -25.05
CA SER D 49 -7.71 -2.15 -25.54
C SER D 49 -8.41 -0.90 -24.98
N THR D 50 -9.75 -0.91 -24.98
CA THR D 50 -10.61 0.15 -24.45
C THR D 50 -11.51 -0.43 -23.36
N PRO D 51 -12.11 0.43 -22.50
CA PRO D 51 -13.15 -0.01 -21.55
C PRO D 51 -14.29 -0.81 -22.20
N ASP D 52 -14.82 -0.30 -23.32
CA ASP D 52 -15.93 -0.93 -24.03
C ASP D 52 -15.51 -2.33 -24.47
N ALA D 53 -14.30 -2.45 -25.03
CA ALA D 53 -13.80 -3.76 -25.45
C ALA D 53 -13.65 -4.66 -24.22
N VAL D 54 -13.04 -4.12 -23.15
CA VAL D 54 -12.85 -4.91 -21.91
C VAL D 54 -14.21 -5.43 -21.44
N MET D 55 -15.17 -4.52 -21.22
CA MET D 55 -16.47 -4.88 -20.61
C MET D 55 -17.22 -5.86 -21.53
N GLY D 56 -17.19 -5.62 -22.84
CA GLY D 56 -17.91 -6.45 -23.83
C GLY D 56 -17.22 -7.77 -24.14
N ASN D 57 -15.99 -7.96 -23.65
CA ASN D 57 -15.16 -9.10 -24.03
C ASN D 57 -15.76 -10.41 -23.48
N PRO D 58 -16.04 -11.42 -24.35
CA PRO D 58 -16.78 -12.61 -23.93
C PRO D 58 -16.05 -13.42 -22.85
N LYS D 59 -14.72 -13.45 -22.94
CA LYS D 59 -13.88 -14.26 -22.06
C LYS D 59 -13.86 -13.67 -20.64
N VAL D 60 -13.84 -12.33 -20.55
CA VAL D 60 -13.94 -11.62 -19.28
C VAL D 60 -15.24 -11.99 -18.58
N LYS D 61 -16.38 -11.82 -19.28
CA LYS D 61 -17.71 -12.03 -18.68
C LYS D 61 -17.89 -13.50 -18.31
N ALA D 62 -17.38 -14.41 -19.15
CA ALA D 62 -17.41 -15.86 -18.91
C ALA D 62 -16.52 -16.24 -17.72
N HIS D 63 -15.31 -15.67 -17.63
CA HIS D 63 -14.46 -15.96 -16.48
C HIS D 63 -15.14 -15.44 -15.20
N GLY D 64 -15.56 -14.18 -15.22
CA GLY D 64 -16.34 -13.60 -14.11
C GLY D 64 -17.49 -14.48 -13.63
N LYS D 65 -18.27 -15.02 -14.58
CA LYS D 65 -19.43 -15.86 -14.27
C LYS D 65 -18.99 -17.21 -13.68
N LYS D 66 -17.95 -17.82 -14.26
CA LYS D 66 -17.49 -19.13 -13.78
C LYS D 66 -17.09 -19.01 -12.30
N VAL D 67 -16.20 -18.07 -12.01
CA VAL D 67 -15.59 -17.92 -10.69
C VAL D 67 -16.65 -17.52 -9.66
N LEU D 68 -17.48 -16.52 -9.97
CA LEU D 68 -18.43 -16.01 -8.95
C LEU D 68 -19.62 -16.95 -8.88
N GLY D 69 -19.87 -17.69 -9.97
CA GLY D 69 -20.92 -18.71 -10.04
C GLY D 69 -20.68 -19.85 -9.06
N ALA D 70 -19.47 -19.91 -8.49
CA ALA D 70 -19.05 -20.90 -7.49
C ALA D 70 -19.04 -20.30 -6.07
N PHE D 71 -19.67 -19.12 -5.88
CA PHE D 71 -19.88 -18.54 -4.55
C PHE D 71 -21.37 -18.22 -4.35
N SER D 72 -22.23 -18.70 -5.26
CA SER D 72 -23.68 -18.82 -5.07
C SER D 72 -24.38 -17.45 -5.01
N ASP D 73 -25.69 -17.46 -4.77
CA ASP D 73 -26.60 -16.29 -4.66
C ASP D 73 -27.80 -16.75 -3.81
N GLY D 74 -27.48 -17.50 -2.75
CA GLY D 74 -28.38 -18.45 -2.15
C GLY D 74 -27.85 -19.86 -2.33
N LEU D 75 -28.05 -20.69 -1.29
CA LEU D 75 -27.47 -22.02 -1.15
C LEU D 75 -25.99 -21.89 -0.76
N ALA D 76 -25.78 -21.57 0.53
CA ALA D 76 -24.50 -21.51 1.23
C ALA D 76 -23.71 -20.26 0.85
N HIS D 77 -22.89 -20.38 -0.21
CA HIS D 77 -21.61 -19.67 -0.33
C HIS D 77 -21.78 -18.15 -0.15
N LEU D 78 -20.75 -17.56 0.48
CA LEU D 78 -20.68 -16.21 1.08
C LEU D 78 -21.22 -16.24 2.52
N ASP D 79 -21.03 -17.39 3.19
CA ASP D 79 -20.92 -17.50 4.66
C ASP D 79 -20.04 -18.71 4.97
N ASN D 80 -18.88 -18.75 4.30
CA ASN D 80 -17.91 -19.85 4.33
C ASN D 80 -16.86 -19.54 5.41
N LEU D 81 -15.80 -20.35 5.49
CA LEU D 81 -14.66 -20.04 6.37
C LEU D 81 -13.34 -20.15 5.60
N LYS D 82 -12.75 -21.36 5.52
CA LYS D 82 -11.34 -21.52 5.15
C LYS D 82 -11.04 -22.96 4.69
N GLY D 83 -11.24 -23.24 3.40
CA GLY D 83 -11.09 -24.61 2.83
C GLY D 83 -10.65 -24.62 1.38
N THR D 84 -11.46 -23.99 0.51
CA THR D 84 -11.23 -23.89 -0.96
C THR D 84 -10.13 -22.87 -1.26
N PHE D 85 -9.80 -22.03 -0.27
CA PHE D 85 -8.91 -20.90 -0.48
C PHE D 85 -7.46 -21.38 -0.55
N ALA D 86 -7.19 -22.56 0.03
CA ALA D 86 -5.87 -23.11 0.07
C ALA D 86 -5.39 -23.33 -1.37
N THR D 87 -6.26 -23.88 -2.21
CA THR D 87 -5.97 -24.21 -3.58
C THR D 87 -5.75 -22.94 -4.40
N LEU D 88 -6.65 -21.98 -4.18
CA LEU D 88 -6.63 -20.71 -4.87
C LEU D 88 -5.42 -19.87 -4.45
N SER D 89 -4.91 -20.11 -3.24
CA SER D 89 -3.79 -19.38 -2.71
C SER D 89 -2.51 -19.82 -3.44
N GLU D 90 -2.31 -21.15 -3.46
CA GLU D 90 -1.27 -21.82 -4.24
C GLU D 90 -1.33 -21.34 -5.71
N LEU D 91 -2.52 -21.35 -6.33
CA LEU D 91 -2.67 -20.91 -7.73
C LEU D 91 -2.21 -19.46 -7.89
N HIS D 92 -2.80 -18.55 -7.10
CA HIS D 92 -2.63 -17.08 -7.28
C HIS D 92 -1.21 -16.65 -6.86
N CYS D 93 -0.67 -17.24 -5.80
CA CYS D 93 0.64 -16.83 -5.24
C CYS D 93 1.78 -17.62 -5.89
N ASP D 94 1.78 -18.96 -5.79
CA ASP D 94 2.87 -19.85 -6.28
C ASP D 94 2.90 -19.92 -7.82
N LYS D 95 1.74 -19.98 -8.48
CA LYS D 95 1.70 -20.17 -9.95
C LYS D 95 1.60 -18.82 -10.66
N LEU D 96 0.65 -17.96 -10.27
CA LEU D 96 0.43 -16.73 -11.03
C LEU D 96 1.35 -15.60 -10.52
N HIS D 97 1.76 -15.62 -9.26
CA HIS D 97 2.61 -14.56 -8.71
C HIS D 97 1.89 -13.20 -8.82
N VAL D 98 0.59 -13.21 -8.49
CA VAL D 98 -0.23 -12.01 -8.35
C VAL D 98 0.14 -11.36 -7.00
N ASP D 99 0.50 -10.07 -7.03
CA ASP D 99 0.76 -9.39 -5.79
C ASP D 99 -0.54 -9.39 -4.98
N PRO D 100 -0.51 -9.71 -3.67
CA PRO D 100 -1.73 -9.84 -2.89
C PRO D 100 -2.54 -8.53 -2.76
N GLU D 101 -1.85 -7.39 -2.91
CA GLU D 101 -2.51 -6.11 -2.89
C GLU D 101 -3.71 -6.13 -3.88
N ASN D 102 -3.54 -6.85 -4.98
CA ASN D 102 -4.54 -6.91 -6.02
C ASN D 102 -5.79 -7.67 -5.54
N PHE D 103 -5.68 -8.50 -4.50
CA PHE D 103 -6.83 -9.20 -3.92
C PHE D 103 -7.72 -8.16 -3.21
N ARG D 104 -7.10 -7.21 -2.48
CA ARG D 104 -7.85 -6.11 -1.84
C ARG D 104 -8.50 -5.22 -2.90
N LEU D 105 -7.77 -4.87 -3.95
CA LEU D 105 -8.31 -4.00 -4.99
C LEU D 105 -9.55 -4.64 -5.62
N LEU D 106 -9.44 -5.92 -6.02
CA LEU D 106 -10.56 -6.59 -6.69
C LEU D 106 -11.78 -6.59 -5.78
N GLY D 107 -11.57 -6.86 -4.49
CA GLY D 107 -12.63 -6.80 -3.46
C GLY D 107 -13.26 -5.42 -3.38
N ASN D 108 -12.41 -4.38 -3.40
CA ASN D 108 -12.86 -3.03 -3.43
C ASN D 108 -13.68 -2.76 -4.69
N VAL D 109 -13.25 -3.28 -5.85
CA VAL D 109 -13.99 -3.16 -7.11
C VAL D 109 -15.36 -3.86 -6.99
N LEU D 110 -15.41 -5.06 -6.38
CA LEU D 110 -16.68 -5.79 -6.21
C LEU D 110 -17.64 -4.94 -5.35
N VAL D 111 -17.08 -4.34 -4.31
CA VAL D 111 -17.84 -3.44 -3.45
C VAL D 111 -18.37 -2.24 -4.27
N CYS D 112 -17.54 -1.62 -5.12
CA CYS D 112 -18.05 -0.53 -5.98
C CYS D 112 -19.20 -1.02 -6.88
N VAL D 113 -19.05 -2.20 -7.46
CA VAL D 113 -20.06 -2.81 -8.36
C VAL D 113 -21.37 -2.96 -7.58
N LEU D 114 -21.28 -3.44 -6.33
CA LEU D 114 -22.45 -3.67 -5.49
C LEU D 114 -23.15 -2.35 -5.18
N ALA D 115 -22.38 -1.31 -4.79
CA ALA D 115 -22.93 0.00 -4.48
C ALA D 115 -23.68 0.56 -5.71
N HIS D 116 -23.11 0.35 -6.89
CA HIS D 116 -23.65 0.88 -8.14
C HIS D 116 -25.00 0.21 -8.46
N HIS D 117 -25.10 -1.10 -8.20
CA HIS D 117 -26.29 -1.87 -8.57
C HIS D 117 -27.38 -1.71 -7.51
N PHE D 118 -27.00 -1.48 -6.24
CA PHE D 118 -27.96 -1.47 -5.16
C PHE D 118 -28.24 -0.04 -4.69
N GLY D 119 -27.44 0.95 -5.06
CA GLY D 119 -27.68 2.34 -4.67
C GLY D 119 -27.83 2.49 -3.16
N LYS D 120 -28.88 3.20 -2.74
CA LYS D 120 -29.17 3.59 -1.36
C LYS D 120 -29.31 2.37 -0.43
N GLU D 121 -29.54 1.19 -1.01
CA GLU D 121 -29.70 -0.07 -0.29
C GLU D 121 -28.34 -0.59 0.20
N PHE D 122 -27.28 -0.15 -0.45
CA PHE D 122 -25.94 -0.49 -0.05
C PHE D 122 -25.48 0.53 1.01
N THR D 123 -26.08 0.42 2.18
CA THR D 123 -25.96 1.39 3.25
C THR D 123 -24.55 1.34 3.84
N PRO D 124 -24.07 2.35 4.60
CA PRO D 124 -22.74 2.26 5.19
C PRO D 124 -22.55 1.00 6.07
N PRO D 125 -23.53 0.57 6.89
CA PRO D 125 -23.39 -0.69 7.63
C PRO D 125 -23.21 -1.93 6.73
N VAL D 126 -23.93 -1.97 5.60
CA VAL D 126 -23.87 -3.09 4.69
C VAL D 126 -22.48 -3.12 4.03
N GLN D 127 -21.97 -1.95 3.64
CA GLN D 127 -20.65 -1.90 3.05
C GLN D 127 -19.63 -2.43 4.06
N ALA D 128 -19.72 -1.96 5.31
CA ALA D 128 -18.81 -2.39 6.41
C ALA D 128 -18.68 -3.92 6.45
N ALA D 129 -19.83 -4.60 6.34
CA ALA D 129 -19.88 -6.04 6.45
C ALA D 129 -19.19 -6.67 5.25
N TYR D 130 -19.45 -6.12 4.06
CA TYR D 130 -18.79 -6.52 2.82
C TYR D 130 -17.28 -6.22 2.87
N GLN D 131 -16.84 -5.16 3.58
CA GLN D 131 -15.38 -4.91 3.68
C GLN D 131 -14.68 -6.01 4.49
N LYS D 132 -15.33 -6.53 5.54
CA LYS D 132 -14.76 -7.64 6.32
C LYS D 132 -14.60 -8.87 5.44
N VAL D 133 -15.62 -9.15 4.62
CA VAL D 133 -15.61 -10.29 3.72
C VAL D 133 -14.38 -10.13 2.82
N VAL D 134 -14.30 -9.01 2.09
CA VAL D 134 -13.28 -8.88 1.07
C VAL D 134 -11.90 -8.93 1.75
N ALA D 135 -11.75 -8.37 2.96
CA ALA D 135 -10.50 -8.49 3.72
C ALA D 135 -10.23 -9.95 4.10
N GLY D 136 -11.28 -10.69 4.53
CA GLY D 136 -11.19 -12.15 4.86
C GLY D 136 -10.75 -13.00 3.67
N VAL D 137 -11.39 -12.78 2.52
CA VAL D 137 -11.03 -13.46 1.26
C VAL D 137 -9.60 -13.06 0.83
N ALA D 138 -9.27 -11.76 0.91
CA ALA D 138 -7.94 -11.31 0.48
C ALA D 138 -6.85 -12.02 1.29
N ASN D 139 -7.05 -12.14 2.61
CA ASN D 139 -6.07 -12.75 3.54
C ASN D 139 -5.94 -14.26 3.26
N ALA D 140 -7.07 -14.92 3.02
CA ALA D 140 -7.07 -16.34 2.67
C ALA D 140 -6.20 -16.57 1.42
N LEU D 141 -6.51 -15.85 0.34
CA LEU D 141 -5.79 -16.06 -0.90
C LEU D 141 -4.29 -15.74 -0.74
N ALA D 142 -3.92 -14.84 0.17
CA ALA D 142 -2.53 -14.45 0.38
C ALA D 142 -1.76 -15.41 1.32
N HIS D 143 -2.38 -16.49 1.82
CA HIS D 143 -1.75 -17.32 2.85
C HIS D 143 -0.40 -17.91 2.40
N LYS D 144 -0.24 -18.26 1.11
CA LYS D 144 1.00 -18.85 0.58
C LYS D 144 2.12 -17.81 0.47
N TYR D 145 1.84 -16.55 0.81
CA TYR D 145 2.82 -15.48 0.94
C TYR D 145 3.20 -15.22 2.40
N HIS D 146 2.42 -15.78 3.36
CA HIS D 146 2.46 -15.31 4.75
C HIS D 146 3.52 -16.07 5.56
#